data_4G1X
#
_entry.id   4G1X
#
_cell.length_a   77.407
_cell.length_b   77.407
_cell.length_c   263.954
_cell.angle_alpha   90.00
_cell.angle_beta   90.00
_cell.angle_gamma   120.00
#
_symmetry.space_group_name_H-M   'P 65 2 2'
#
loop_
_entity.id
_entity.type
_entity.pdbx_description
1 polymer 'Cytochrome P450 121'
2 non-polymer 'PROTOPORPHYRIN IX CONTAINING FE'
3 non-polymer 'SULFATE ION'
4 non-polymer 'DIMETHYL SULFOXIDE'
5 non-polymer 4-(1H-1,2,4-triazol-1-yl)quinolin-6-amine
6 water water
#
_entity_poly.entity_id   1
_entity_poly.type   'polypeptide(L)'
_entity_poly.pdbx_seq_one_letter_code
;TATVLLEVPFSARGDRIPDAVAELRTREPIRKVRTITGAEAWLVSSYALCTQVLEDRRFSMKETAAAGAPRLNALTVPPE
VVNNMGNIADAGLRKAVMKAITPKAPGLEQFLRDTANSLLDNLITEGAPADLRNDFADPLATALHCKVLGIPQEDGPKLF
RSLSIAFMSSADPIPAAKINWDRDIEYMAGILENPNITTGLMGELSRLRKDPAYSHVSDELFATIGVTFFGAGVISTGSF
LTTALISLIQRPQLRNLLHEKPELIPAGVEELLRINLSFADGLPRLATADIQVGDVLVRKGELVLVLLEGANFDPEHFPN
PGSIELDRPNPTSHLAFGRGQHFCPGSALGRRHAQIGIEALLKKMPGVDLAVPIDQLVWRTRFQRRIPERLPVLW
;
_entity_poly.pdbx_strand_id   A
#
loop_
_chem_comp.id
_chem_comp.type
_chem_comp.name
_chem_comp.formula
DMS non-polymer 'DIMETHYL SULFOXIDE' 'C2 H6 O S'
HEM non-polymer 'PROTOPORPHYRIN IX CONTAINING FE' 'C34 H32 Fe N4 O4'
SO4 non-polymer 'SULFATE ION' 'O4 S -2'
TQU non-polymer 4-(1H-1,2,4-triazol-1-yl)quinolin-6-amine 'C11 H9 N5'
#
# COMPACT_ATOMS: atom_id res chain seq x y z
C THR A 1 -23.50 -27.37 -12.37
N ALA A 2 -24.16 -27.19 -11.22
CA ALA A 2 -24.09 -25.89 -10.49
C ALA A 2 -22.67 -25.51 -10.17
N THR A 3 -22.40 -24.21 -10.23
CA THR A 3 -21.14 -23.72 -9.68
C THR A 3 -21.39 -22.69 -8.57
N VAL A 4 -20.39 -22.56 -7.74
CA VAL A 4 -20.47 -21.53 -6.66
C VAL A 4 -20.44 -20.06 -7.23
N LEU A 5 -20.99 -19.15 -6.40
CA LEU A 5 -20.75 -17.70 -6.61
C LEU A 5 -19.22 -17.39 -6.74
N LEU A 6 -18.87 -16.59 -7.74
CA LEU A 6 -17.50 -16.21 -7.97
C LEU A 6 -16.83 -15.73 -6.69
N GLU A 7 -15.70 -16.32 -6.41
CA GLU A 7 -14.97 -16.01 -5.18
C GLU A 7 -13.86 -14.97 -5.43
N VAL A 8 -13.64 -14.07 -4.45
CA VAL A 8 -12.48 -13.14 -4.49
C VAL A 8 -11.58 -13.44 -3.30
N PRO A 9 -10.31 -13.17 -3.40
CA PRO A 9 -9.63 -12.65 -4.60
C PRO A 9 -9.45 -13.69 -5.67
N PHE A 10 -9.16 -13.28 -6.87
CA PHE A 10 -8.98 -14.24 -8.01
C PHE A 10 -7.67 -14.93 -7.98
N SER A 11 -6.58 -14.25 -7.68
CA SER A 11 -5.20 -14.83 -7.67
C SER A 11 -4.31 -14.00 -6.79
N ALA A 12 -3.45 -14.62 -6.01
CA ALA A 12 -2.44 -13.92 -5.25
C ALA A 12 -1.20 -13.56 -6.06
N ARG A 13 -1.12 -14.05 -7.30
CA ARG A 13 0.11 -13.69 -8.09
C ARG A 13 0.11 -12.28 -8.48
N GLY A 14 1.23 -11.59 -8.20
CA GLY A 14 1.30 -10.14 -8.42
C GLY A 14 2.17 -9.80 -9.64
N ASP A 15 2.53 -10.75 -10.50
CA ASP A 15 3.38 -10.45 -11.66
C ASP A 15 2.52 -10.31 -12.87
N ARG A 16 1.27 -10.73 -12.90
CA ARG A 16 0.42 -10.68 -14.12
C ARG A 16 -0.98 -10.54 -13.69
N ILE A 17 -1.79 -9.80 -14.45
CA ILE A 17 -3.22 -9.72 -14.18
C ILE A 17 -3.93 -11.00 -14.84
N PRO A 18 -4.93 -11.56 -14.16
CA PRO A 18 -5.71 -12.68 -14.73
C PRO A 18 -6.45 -12.17 -15.97
N ASP A 19 -6.47 -12.97 -17.07
CA ASP A 19 -7.23 -12.61 -18.25
C ASP A 19 -8.67 -12.44 -17.79
N ALA A 20 -9.13 -13.02 -16.71
CA ALA A 20 -10.47 -12.95 -16.27
C ALA A 20 -10.93 -11.53 -15.88
N VAL A 21 -9.97 -10.67 -15.49
CA VAL A 21 -10.34 -9.29 -15.09
C VAL A 21 -10.94 -8.53 -16.32
N ALA A 22 -10.28 -8.68 -17.45
CA ALA A 22 -10.82 -7.92 -18.59
C ALA A 22 -12.15 -8.47 -19.06
N GLU A 23 -12.32 -9.82 -18.95
CA GLU A 23 -13.59 -10.41 -19.28
C GLU A 23 -14.74 -9.94 -18.40
N LEU A 24 -14.45 -9.88 -17.11
CA LEU A 24 -15.30 -9.43 -16.19
C LEU A 24 -15.73 -7.93 -16.39
N ARG A 25 -14.70 -7.04 -16.62
CA ARG A 25 -14.98 -5.65 -16.78
C ARG A 25 -15.90 -5.44 -18.06
N THR A 26 -15.63 -6.24 -19.09
CA THR A 26 -16.45 -6.14 -20.35
C THR A 26 -17.88 -6.63 -20.06
N ARG A 27 -18.04 -7.75 -19.39
CA ARG A 27 -19.36 -8.39 -19.37
C ARG A 27 -20.18 -7.79 -18.19
N GLU A 28 -19.57 -7.52 -17.00
CA GLU A 28 -20.33 -7.19 -15.82
C GLU A 28 -19.42 -6.39 -14.89
N PRO A 29 -19.24 -5.09 -15.13
CA PRO A 29 -18.25 -4.31 -14.40
C PRO A 29 -18.66 -4.02 -12.96
N ILE A 30 -19.87 -4.37 -12.57
CA ILE A 30 -20.22 -4.51 -11.15
C ILE A 30 -20.94 -5.84 -11.05
N ARG A 31 -20.40 -6.75 -10.25
CA ARG A 31 -20.99 -8.08 -10.12
C ARG A 31 -20.77 -8.69 -8.79
N LYS A 32 -21.70 -9.57 -8.45
CA LYS A 32 -21.72 -10.11 -7.09
C LYS A 32 -20.62 -11.17 -6.98
N VAL A 33 -19.95 -11.17 -5.82
CA VAL A 33 -18.88 -12.13 -5.52
C VAL A 33 -19.06 -12.55 -4.03
N ARG A 34 -18.29 -13.60 -3.68
CA ARG A 34 -18.24 -14.06 -2.28
C ARG A 34 -16.81 -13.80 -1.77
N THR A 35 -16.73 -13.24 -0.59
CA THR A 35 -15.40 -12.98 0.01
C THR A 35 -14.96 -14.18 0.86
N ILE A 36 -13.75 -14.10 1.38
CA ILE A 36 -13.20 -15.21 2.15
C ILE A 36 -14.01 -15.46 3.41
N THR A 37 -14.81 -14.52 3.91
CA THR A 37 -15.64 -14.77 5.13
C THR A 37 -16.90 -15.47 4.78
N GLY A 38 -17.25 -15.60 3.52
CA GLY A 38 -18.58 -16.07 3.11
C GLY A 38 -19.59 -14.98 2.80
N ALA A 39 -19.21 -13.71 3.10
CA ALA A 39 -20.11 -12.61 2.77
C ALA A 39 -20.20 -12.42 1.29
N GLU A 40 -21.34 -11.90 0.84
CA GLU A 40 -21.51 -11.40 -0.53
C GLU A 40 -21.02 -9.94 -0.60
N ALA A 41 -20.57 -9.58 -1.81
CA ALA A 41 -20.11 -8.18 -2.07
C ALA A 41 -20.30 -7.93 -3.51
N TRP A 42 -20.29 -6.59 -3.84
CA TRP A 42 -20.24 -6.15 -5.26
C TRP A 42 -18.85 -5.85 -5.68
N LEU A 43 -18.28 -6.52 -6.63
CA LEU A 43 -16.95 -6.25 -7.17
C LEU A 43 -17.05 -5.26 -8.35
N VAL A 44 -16.38 -4.11 -8.21
CA VAL A 44 -16.46 -3.07 -9.30
C VAL A 44 -15.12 -3.04 -9.96
N SER A 45 -15.18 -3.09 -11.33
CA SER A 45 -13.93 -3.31 -12.04
C SER A 45 -13.67 -2.41 -13.27
N SER A 46 -14.57 -1.43 -13.55
CA SER A 46 -14.25 -0.43 -14.59
C SER A 46 -13.76 0.79 -13.94
N TYR A 47 -12.95 1.58 -14.72
CA TYR A 47 -12.51 2.84 -14.23
C TYR A 47 -13.67 3.78 -13.85
N ALA A 48 -14.69 3.84 -14.73
CA ALA A 48 -15.81 4.74 -14.46
C ALA A 48 -16.50 4.40 -13.16
N LEU A 49 -16.82 3.11 -12.97
CA LEU A 49 -17.56 2.76 -11.75
C LEU A 49 -16.72 2.74 -10.47
N CYS A 50 -15.40 2.45 -10.62
CA CYS A 50 -14.53 2.57 -9.46
C CYS A 50 -14.44 3.96 -8.95
N THR A 51 -14.25 4.91 -9.94
CA THR A 51 -14.21 6.29 -9.53
C THR A 51 -15.52 6.80 -8.93
N GLN A 52 -16.63 6.37 -9.50
CA GLN A 52 -17.93 6.75 -8.94
C GLN A 52 -18.05 6.34 -7.46
N VAL A 53 -17.64 5.06 -7.16
CA VAL A 53 -17.78 4.58 -5.78
C VAL A 53 -16.79 5.34 -4.88
N LEU A 54 -15.56 5.50 -5.29
CA LEU A 54 -14.60 6.15 -4.40
C LEU A 54 -14.90 7.67 -4.14
N GLU A 55 -15.61 8.28 -5.12
CA GLU A 55 -15.95 9.75 -4.96
C GLU A 55 -17.24 9.93 -4.30
N ASP A 56 -17.99 8.91 -3.88
CA ASP A 56 -19.32 9.11 -3.28
C ASP A 56 -19.21 8.67 -1.85
N ARG A 57 -19.22 9.58 -0.89
CA ARG A 57 -18.97 9.17 0.48
C ARG A 57 -20.14 8.39 1.09
N ARG A 58 -21.25 8.27 0.40
CA ARG A 58 -22.33 7.37 0.93
C ARG A 58 -21.77 5.93 0.79
N PHE A 59 -20.72 5.65 0.05
CA PHE A 59 -19.97 4.35 0.16
C PHE A 59 -18.94 4.61 1.22
N SER A 60 -19.13 4.13 2.44
CA SER A 60 -18.32 4.56 3.57
C SER A 60 -17.21 3.63 3.92
N MET A 61 -16.02 4.13 4.20
CA MET A 61 -14.97 3.31 4.78
C MET A 61 -15.31 3.01 6.20
N LYS A 62 -15.63 4.00 7.04
CA LYS A 62 -15.68 3.58 8.47
CA LYS A 62 -15.93 3.81 8.45
C LYS A 62 -16.88 2.66 8.74
N GLU A 63 -17.95 2.70 7.95
CA GLU A 63 -19.06 1.77 8.24
C GLU A 63 -18.68 0.30 7.90
N THR A 64 -17.58 0.07 7.22
CA THR A 64 -17.17 -1.34 7.03
C THR A 64 -16.89 -1.97 8.37
N ALA A 65 -16.58 -1.21 9.42
CA ALA A 65 -16.23 -1.78 10.70
C ALA A 65 -17.45 -2.02 11.54
N ALA A 66 -18.66 -1.72 11.09
CA ALA A 66 -19.82 -1.90 11.94
C ALA A 66 -20.02 -3.39 12.26
N ALA A 67 -20.42 -3.67 13.49
CA ALA A 67 -20.71 -5.07 13.93
C ALA A 67 -21.84 -5.52 13.04
N GLY A 68 -21.70 -6.78 12.56
CA GLY A 68 -22.82 -7.39 11.80
C GLY A 68 -22.80 -7.13 10.29
N ALA A 69 -21.85 -6.23 9.90
CA ALA A 69 -21.75 -5.91 8.39
C ALA A 69 -21.21 -7.09 7.65
N PRO A 70 -21.54 -7.24 6.40
CA PRO A 70 -20.81 -8.23 5.53
C PRO A 70 -19.34 -7.79 5.48
N ARG A 71 -18.40 -8.70 5.61
CA ARG A 71 -16.99 -8.38 5.71
C ARG A 71 -16.17 -8.96 4.59
N LEU A 72 -15.22 -8.16 4.07
CA LEU A 72 -14.18 -8.65 3.20
C LEU A 72 -13.31 -9.64 3.95
N ASN A 73 -12.89 -9.23 5.12
CA ASN A 73 -11.96 -10.02 5.97
C ASN A 73 -12.13 -9.55 7.35
N ALA A 74 -11.53 -10.23 8.34
CA ALA A 74 -11.61 -9.87 9.75
C ALA A 74 -10.79 -8.64 10.05
N LEU A 75 -11.25 -7.85 10.98
CA LEU A 75 -10.43 -6.68 11.47
C LEU A 75 -9.17 -7.17 12.10
N THR A 76 -8.07 -6.48 11.87
CA THR A 76 -6.83 -6.72 12.60
C THR A 76 -6.47 -5.55 13.51
N VAL A 77 -7.34 -4.54 13.54
CA VAL A 77 -7.16 -3.36 14.43
C VAL A 77 -8.44 -3.18 15.16
N PRO A 78 -8.47 -2.33 16.22
CA PRO A 78 -9.74 -2.00 16.84
C PRO A 78 -10.66 -1.35 15.84
N PRO A 79 -12.01 -1.54 15.97
CA PRO A 79 -12.90 -0.96 14.95
C PRO A 79 -12.84 0.56 14.80
N GLU A 80 -12.52 1.26 15.91
CA GLU A 80 -12.45 2.75 15.79
C GLU A 80 -11.29 3.15 14.95
N VAL A 81 -10.28 2.31 14.76
CA VAL A 81 -9.08 2.59 13.96
C VAL A 81 -9.34 2.49 12.49
N VAL A 82 -10.49 1.89 12.09
CA VAL A 82 -10.88 1.91 10.70
C VAL A 82 -11.17 3.36 10.25
N ASN A 83 -11.55 4.21 11.17
CA ASN A 83 -11.76 5.65 10.82
C ASN A 83 -10.48 6.44 11.13
N ASN A 84 -9.29 5.89 11.04
CA ASN A 84 -8.09 6.52 11.54
C ASN A 84 -7.91 7.94 10.99
N MET A 85 -7.88 8.15 9.68
CA MET A 85 -7.61 9.50 9.19
CA MET A 85 -7.69 9.52 9.14
C MET A 85 -8.77 10.42 9.60
N GLY A 86 -10.01 10.02 9.68
CA GLY A 86 -11.09 10.82 10.24
C GLY A 86 -10.82 11.18 11.65
N ASN A 87 -10.32 10.28 12.50
CA ASN A 87 -10.03 10.57 13.85
C ASN A 87 -8.88 11.57 13.92
N ILE A 88 -7.89 11.45 13.10
CA ILE A 88 -6.77 12.42 13.03
C ILE A 88 -7.32 13.78 12.66
N ALA A 89 -8.17 13.87 11.67
CA ALA A 89 -8.70 15.17 11.23
C ALA A 89 -9.55 15.73 12.34
N ASP A 90 -10.38 14.98 13.02
CA ASP A 90 -11.27 15.44 14.07
C ASP A 90 -10.42 15.94 15.25
N ALA A 91 -9.21 15.47 15.46
CA ALA A 91 -8.35 15.89 16.59
C ALA A 91 -7.61 17.21 16.19
N GLY A 92 -7.77 17.66 14.97
CA GLY A 92 -7.06 18.86 14.47
C GLY A 92 -5.61 18.56 14.15
N LEU A 93 -5.26 17.29 13.84
CA LEU A 93 -3.89 16.87 13.55
C LEU A 93 -3.60 16.65 12.06
N ARG A 94 -4.59 16.78 11.20
CA ARG A 94 -4.35 16.41 9.81
C ARG A 94 -3.26 17.15 9.15
N LYS A 95 -3.26 18.48 9.30
CA LYS A 95 -2.19 19.26 8.62
C LYS A 95 -0.83 18.89 9.04
N ALA A 96 -0.60 18.76 10.36
CA ALA A 96 0.64 18.41 10.87
C ALA A 96 1.17 16.99 10.44
N VAL A 97 0.19 16.06 10.51
CA VAL A 97 0.57 14.64 10.16
C VAL A 97 0.92 14.64 8.70
N MET A 98 0.07 15.25 7.89
CA MET A 98 0.29 15.26 6.41
C MET A 98 1.62 15.90 6.14
N LYS A 99 2.01 17.01 6.80
CA LYS A 99 3.28 17.69 6.61
C LYS A 99 4.50 16.84 6.94
N ALA A 100 4.42 16.08 8.02
CA ALA A 100 5.50 15.24 8.47
C ALA A 100 5.76 14.01 7.53
N ILE A 101 4.81 13.65 6.70
CA ILE A 101 5.06 12.44 5.87
C ILE A 101 5.24 12.81 4.42
N THR A 102 5.52 14.09 4.07
CA THR A 102 5.96 14.35 2.71
C THR A 102 7.45 13.98 2.63
N PRO A 103 7.98 13.88 1.37
CA PRO A 103 9.43 13.65 1.18
C PRO A 103 10.30 14.91 1.31
N LYS A 104 9.70 15.97 1.88
CA LYS A 104 10.33 17.38 1.83
C LYS A 104 11.25 17.65 2.87
N ALA A 105 11.23 17.05 4.05
CA ALA A 105 12.15 17.36 5.15
C ALA A 105 13.60 17.42 4.61
N PRO A 106 14.38 18.48 4.99
CA PRO A 106 15.82 18.43 4.68
C PRO A 106 16.44 17.12 5.12
N GLY A 107 17.28 16.63 4.22
CA GLY A 107 18.06 15.48 4.52
C GLY A 107 17.31 14.19 4.08
N LEU A 108 16.01 14.21 3.87
CA LEU A 108 15.28 12.89 3.75
C LEU A 108 15.66 12.17 2.46
N GLU A 109 15.60 12.84 1.33
CA GLU A 109 16.01 12.22 0.11
C GLU A 109 17.46 11.77 0.15
N GLN A 110 18.43 12.53 0.75
CA GLN A 110 19.80 12.11 0.86
C GLN A 110 19.83 10.84 1.67
N PHE A 111 19.01 10.80 2.74
CA PHE A 111 18.99 9.64 3.61
C PHE A 111 18.49 8.38 2.80
N LEU A 112 17.54 8.58 1.97
CA LEU A 112 16.99 7.41 1.22
C LEU A 112 18.03 6.96 0.25
N ARG A 113 18.76 7.88 -0.43
CA ARG A 113 19.79 7.46 -1.37
C ARG A 113 20.90 6.77 -0.66
N ASP A 114 21.39 7.34 0.44
CA ASP A 114 22.43 6.72 1.18
C ASP A 114 22.11 5.31 1.65
N THR A 115 20.87 5.18 2.15
CA THR A 115 20.39 3.89 2.66
C THR A 115 20.29 2.82 1.43
N ALA A 116 19.68 3.22 0.40
CA ALA A 116 19.57 2.37 -0.80
C ALA A 116 20.94 1.94 -1.26
N ASN A 117 21.89 2.90 -1.33
CA ASN A 117 23.28 2.55 -1.76
C ASN A 117 23.95 1.70 -0.85
N SER A 118 23.84 1.85 0.48
CA SER A 118 24.47 1.00 1.44
C SER A 118 23.91 -0.47 1.28
N LEU A 119 22.55 -0.60 1.22
CA LEU A 119 21.94 -1.95 1.08
C LEU A 119 22.49 -2.62 -0.22
N LEU A 120 22.51 -1.88 -1.30
CA LEU A 120 23.00 -2.46 -2.58
C LEU A 120 24.49 -2.82 -2.52
N ASP A 121 25.32 -1.96 -1.85
CA ASP A 121 26.78 -2.33 -1.72
C ASP A 121 26.85 -3.58 -0.93
N ASN A 122 26.13 -3.80 0.16
CA ASN A 122 26.17 -5.04 0.90
C ASN A 122 25.84 -6.22 0.04
N LEU A 123 24.79 -6.10 -0.80
CA LEU A 123 24.43 -7.22 -1.68
C LEU A 123 25.55 -7.52 -2.65
N ILE A 124 26.14 -6.49 -3.20
CA ILE A 124 27.22 -6.69 -4.20
C ILE A 124 28.40 -7.35 -3.48
N THR A 125 28.76 -6.97 -2.26
CA THR A 125 29.86 -7.61 -1.56
C THR A 125 29.55 -9.06 -1.35
N GLU A 126 28.35 -9.42 -0.97
CA GLU A 126 28.02 -10.77 -0.60
C GLU A 126 27.96 -11.59 -1.94
N GLY A 127 27.65 -11.02 -3.09
CA GLY A 127 27.65 -11.83 -4.32
C GLY A 127 26.21 -12.35 -4.64
N ALA A 128 25.93 -12.47 -5.93
CA ALA A 128 24.61 -12.99 -6.36
C ALA A 128 24.42 -14.44 -5.99
N PRO A 129 23.23 -14.95 -5.79
CA PRO A 129 22.00 -14.16 -5.90
C PRO A 129 21.69 -13.32 -4.66
N ALA A 130 20.92 -12.30 -4.87
CA ALA A 130 20.45 -11.40 -3.77
C ALA A 130 18.91 -11.47 -3.75
N ASP A 131 18.33 -11.29 -2.56
CA ASP A 131 16.87 -11.21 -2.39
C ASP A 131 16.43 -9.75 -2.35
N LEU A 132 15.92 -9.21 -3.41
CA LEU A 132 15.63 -7.77 -3.39
C LEU A 132 14.38 -7.43 -2.58
N ARG A 133 13.59 -8.38 -2.10
CA ARG A 133 12.53 -8.01 -1.14
C ARG A 133 13.13 -7.95 0.22
N ASN A 134 13.59 -9.02 0.78
CA ASN A 134 14.04 -9.01 2.20
C ASN A 134 15.25 -8.24 2.42
N ASP A 135 16.12 -8.07 1.46
CA ASP A 135 17.41 -7.41 1.69
C ASP A 135 17.54 -6.16 0.90
N PHE A 136 16.47 -5.65 0.34
CA PHE A 136 16.55 -4.31 -0.32
C PHE A 136 15.22 -3.58 -0.09
N ALA A 137 14.13 -3.91 -0.77
CA ALA A 137 12.94 -3.09 -0.77
C ALA A 137 12.36 -2.93 0.61
N ASP A 138 12.18 -4.00 1.36
CA ASP A 138 11.58 -3.89 2.67
C ASP A 138 12.50 -3.20 3.67
N PRO A 139 13.83 -3.47 3.78
CA PRO A 139 14.69 -2.65 4.64
C PRO A 139 14.73 -1.23 4.20
N LEU A 140 14.60 -0.87 2.97
CA LEU A 140 14.59 0.52 2.53
C LEU A 140 13.35 1.21 3.05
N ALA A 141 12.20 0.52 2.87
CA ALA A 141 10.90 1.02 3.44
C ALA A 141 10.98 1.16 4.92
N THR A 142 11.54 0.20 5.65
CA THR A 142 11.59 0.21 7.11
C THR A 142 12.48 1.40 7.53
N ALA A 143 13.65 1.54 6.95
CA ALA A 143 14.55 2.68 7.30
C ALA A 143 13.89 3.98 7.01
N LEU A 144 13.25 4.14 5.92
CA LEU A 144 12.55 5.33 5.57
C LEU A 144 11.57 5.72 6.65
N HIS A 145 10.75 4.74 7.08
CA HIS A 145 9.69 5.05 8.03
C HIS A 145 10.23 5.26 9.38
N CYS A 146 11.34 4.67 9.82
CA CYS A 146 11.94 5.09 11.11
C CYS A 146 12.37 6.57 10.99
N LYS A 147 13.00 6.94 9.91
CA LYS A 147 13.42 8.34 9.77
C LYS A 147 12.23 9.23 9.75
N VAL A 148 11.21 8.99 8.97
CA VAL A 148 10.05 9.83 8.91
C VAL A 148 9.36 9.94 10.27
N LEU A 149 9.26 8.86 11.01
CA LEU A 149 8.68 8.91 12.35
C LEU A 149 9.60 9.55 13.38
N GLY A 150 10.93 9.60 13.15
CA GLY A 150 11.83 10.08 14.19
C GLY A 150 12.25 9.07 15.17
N ILE A 151 12.05 7.74 14.95
CA ILE A 151 12.37 6.73 15.92
C ILE A 151 13.66 6.02 15.57
N PRO A 152 14.25 5.36 16.50
CA PRO A 152 15.60 4.76 16.26
C PRO A 152 15.55 3.75 15.05
N GLN A 153 16.56 3.79 14.20
CA GLN A 153 16.69 2.82 13.14
C GLN A 153 16.73 1.42 13.74
N GLU A 154 17.34 1.20 14.88
CA GLU A 154 17.43 -0.15 15.37
C GLU A 154 16.11 -0.71 15.88
N ASP A 155 15.06 0.09 16.00
CA ASP A 155 13.76 -0.37 16.42
C ASP A 155 12.96 -0.80 15.18
N GLY A 156 13.42 -0.53 13.98
CA GLY A 156 12.72 -0.85 12.78
C GLY A 156 12.41 -2.33 12.62
N PRO A 157 13.38 -3.21 12.67
CA PRO A 157 13.17 -4.65 12.38
C PRO A 157 12.07 -5.23 13.24
N LYS A 158 12.03 -4.99 14.52
CA LYS A 158 10.96 -5.66 15.33
C LYS A 158 9.62 -5.11 14.94
N LEU A 159 9.48 -3.79 14.68
CA LEU A 159 8.18 -3.26 14.25
C LEU A 159 7.84 -3.92 12.93
N PHE A 160 8.78 -4.01 11.99
CA PHE A 160 8.50 -4.64 10.68
C PHE A 160 8.04 -6.06 10.84
N ARG A 161 8.58 -6.82 11.75
CA ARG A 161 8.16 -8.26 11.82
C ARG A 161 6.71 -8.38 12.34
N SER A 162 6.02 -7.41 12.88
CA SER A 162 4.61 -7.50 13.12
C SER A 162 3.82 -7.59 11.79
N LEU A 163 4.36 -7.12 10.68
CA LEU A 163 3.55 -6.83 9.54
C LEU A 163 3.01 -8.01 8.75
N SER A 164 3.75 -9.13 8.79
CA SER A 164 3.27 -10.34 8.06
C SER A 164 1.99 -10.88 8.67
N ILE A 165 1.64 -10.48 9.88
CA ILE A 165 0.38 -10.83 10.53
C ILE A 165 -0.59 -9.65 10.52
N ALA A 166 -0.09 -8.41 10.78
CA ALA A 166 -0.98 -7.28 10.83
C ALA A 166 -1.74 -6.96 9.64
N PHE A 167 -1.10 -7.30 8.47
CA PHE A 167 -1.70 -7.08 7.21
C PHE A 167 -2.24 -8.33 6.51
N MET A 168 -2.50 -9.35 7.35
CA MET A 168 -3.25 -10.49 6.84
C MET A 168 -4.64 -10.17 6.46
N SER A 169 -5.13 -10.89 5.46
CA SER A 169 -6.51 -10.83 4.97
C SER A 169 -7.22 -12.15 5.29
N SER A 170 -7.77 -12.25 6.50
CA SER A 170 -8.19 -13.54 7.13
C SER A 170 -9.68 -13.60 7.21
N ALA A 171 -10.24 -14.80 7.14
CA ALA A 171 -11.67 -14.98 7.39
C ALA A 171 -12.02 -14.75 8.80
N ASP A 172 -11.10 -14.93 9.73
CA ASP A 172 -11.32 -14.90 11.16
C ASP A 172 -10.38 -13.96 11.90
N PRO A 173 -10.75 -13.50 13.08
CA PRO A 173 -9.80 -12.69 13.89
C PRO A 173 -8.55 -13.45 14.13
N ILE A 174 -7.44 -12.73 14.29
CA ILE A 174 -6.10 -13.31 14.37
C ILE A 174 -5.51 -13.00 15.73
N PRO A 175 -5.36 -14.01 16.62
CA PRO A 175 -4.89 -13.67 17.97
C PRO A 175 -3.56 -13.02 17.95
N ALA A 176 -2.59 -13.41 17.11
CA ALA A 176 -1.28 -12.73 17.11
C ALA A 176 -1.44 -11.30 16.68
N ALA A 177 -2.41 -10.91 15.85
CA ALA A 177 -2.51 -9.47 15.46
C ALA A 177 -2.79 -8.66 16.68
N LYS A 178 -3.59 -9.08 17.64
CA LYS A 178 -3.83 -8.31 18.81
C LYS A 178 -2.60 -8.27 19.68
N ILE A 179 -1.86 -9.36 19.84
CA ILE A 179 -0.67 -9.33 20.67
C ILE A 179 0.29 -8.26 20.08
N ASN A 180 0.55 -8.31 18.79
CA ASN A 180 1.51 -7.39 18.21
C ASN A 180 0.93 -5.99 18.25
N TRP A 181 -0.32 -5.74 18.01
CA TRP A 181 -0.91 -4.38 18.06
C TRP A 181 -0.70 -3.85 19.46
N ASP A 182 -1.02 -4.57 20.51
CA ASP A 182 -0.91 -4.03 21.84
C ASP A 182 0.55 -3.76 22.14
N ARG A 183 1.47 -4.59 21.74
CA ARG A 183 2.87 -4.36 21.98
C ARG A 183 3.32 -3.13 21.19
N ASP A 184 2.94 -2.93 20.00
CA ASP A 184 3.40 -1.82 19.21
C ASP A 184 2.77 -0.52 19.72
N ILE A 185 1.55 -0.52 20.17
CA ILE A 185 0.98 0.65 20.85
C ILE A 185 1.78 0.94 22.05
N GLU A 186 2.14 0.02 22.87
CA GLU A 186 2.93 0.33 24.06
C GLU A 186 4.26 0.96 23.63
N TYR A 187 4.90 0.44 22.62
CA TYR A 187 6.14 1.04 22.10
C TYR A 187 5.88 2.45 21.68
N MET A 188 4.89 2.78 20.93
CA MET A 188 4.71 4.16 20.49
C MET A 188 4.28 5.03 21.66
N ALA A 189 3.62 4.53 22.68
CA ALA A 189 3.31 5.38 23.85
C ALA A 189 4.62 5.67 24.52
N GLY A 190 5.54 4.77 24.63
CA GLY A 190 6.84 5.06 25.23
C GLY A 190 7.59 6.03 24.40
N ILE A 191 7.55 6.00 23.08
CA ILE A 191 8.19 6.98 22.21
C ILE A 191 7.66 8.34 22.53
N LEU A 192 6.37 8.57 22.71
CA LEU A 192 5.86 9.88 23.02
C LEU A 192 6.41 10.41 24.36
N GLU A 193 6.77 9.54 25.23
CA GLU A 193 7.26 9.96 26.58
C GLU A 193 8.78 10.06 26.53
N ASN A 194 9.46 9.68 25.51
CA ASN A 194 10.92 9.55 25.46
C ASN A 194 11.49 10.87 24.94
N PRO A 195 12.30 11.55 25.85
CA PRO A 195 12.80 12.89 25.47
C PRO A 195 13.81 12.83 24.36
N ASN A 196 14.39 11.71 23.94
CA ASN A 196 15.27 11.71 22.78
C ASN A 196 14.50 11.83 21.46
N ILE A 197 13.14 11.73 21.50
CA ILE A 197 12.45 11.71 20.25
C ILE A 197 11.91 13.06 19.99
N THR A 198 12.60 13.80 19.18
CA THR A 198 12.31 15.18 18.87
C THR A 198 12.16 15.57 17.47
N THR A 199 12.34 14.55 16.57
CA THR A 199 12.25 14.85 15.17
C THR A 199 11.15 13.97 14.53
N GLY A 200 10.87 14.20 13.29
CA GLY A 200 9.93 13.34 12.57
C GLY A 200 8.54 13.50 13.09
N LEU A 201 7.64 12.60 12.61
CA LEU A 201 6.25 12.57 13.00
C LEU A 201 6.09 12.37 14.49
N MET A 202 6.77 11.45 15.10
CA MET A 202 6.58 11.26 16.52
C MET A 202 7.13 12.38 17.35
N GLY A 203 8.24 12.99 16.90
CA GLY A 203 8.73 14.25 17.63
C GLY A 203 7.69 15.30 17.49
N GLU A 204 7.01 15.54 16.41
CA GLU A 204 6.05 16.55 16.25
C GLU A 204 4.81 16.19 17.14
N LEU A 205 4.31 14.95 17.07
CA LEU A 205 3.12 14.64 17.89
C LEU A 205 3.50 14.74 19.35
N SER A 206 4.71 14.41 19.74
CA SER A 206 5.08 14.55 21.14
C SER A 206 4.95 15.98 21.61
N ARG A 207 5.36 16.93 20.84
CA ARG A 207 5.15 18.34 21.20
C ARG A 207 3.70 18.72 21.14
N LEU A 208 2.91 18.37 20.13
CA LEU A 208 1.56 18.79 20.09
C LEU A 208 0.78 18.18 21.24
N ARG A 209 1.12 17.01 21.72
CA ARG A 209 0.43 16.39 22.83
C ARG A 209 0.49 17.30 24.05
N LYS A 210 1.60 18.06 24.21
CA LYS A 210 1.74 18.94 25.44
C LYS A 210 1.28 20.33 25.13
N ASP A 211 0.76 20.66 24.00
CA ASP A 211 0.25 21.96 23.68
C ASP A 211 -1.18 22.11 24.06
N PRO A 212 -1.65 23.21 24.64
CA PRO A 212 -3.07 23.28 25.11
C PRO A 212 -4.05 23.09 24.02
N ALA A 213 -3.80 23.33 22.81
CA ALA A 213 -4.79 23.13 21.72
C ALA A 213 -5.10 21.62 21.54
N TYR A 214 -4.35 20.73 22.18
CA TYR A 214 -4.51 19.22 21.98
C TYR A 214 -4.60 18.56 23.29
N SER A 215 -4.87 19.29 24.41
CA SER A 215 -4.91 18.68 25.68
C SER A 215 -6.01 17.59 25.83
N HIS A 216 -7.06 17.66 25.07
CA HIS A 216 -8.05 16.61 25.15
C HIS A 216 -7.97 15.66 24.02
N VAL A 217 -6.93 15.56 23.25
CA VAL A 217 -6.71 14.47 22.29
C VAL A 217 -6.14 13.35 23.07
N SER A 218 -6.63 12.11 22.82
CA SER A 218 -6.23 11.02 23.65
C SER A 218 -4.83 10.55 23.40
N ASP A 219 -4.18 10.01 24.42
CA ASP A 219 -2.87 9.40 24.30
C ASP A 219 -2.99 8.16 23.36
N GLU A 220 -4.16 7.49 23.40
CA GLU A 220 -4.38 6.34 22.56
C GLU A 220 -4.27 6.80 21.10
N LEU A 221 -4.89 7.91 20.72
CA LEU A 221 -4.82 8.35 19.27
C LEU A 221 -3.41 8.66 18.90
N PHE A 222 -2.62 9.35 19.77
CA PHE A 222 -1.24 9.69 19.39
C PHE A 222 -0.43 8.41 19.13
N ALA A 223 -0.56 7.40 20.00
CA ALA A 223 0.18 6.15 19.78
C ALA A 223 -0.32 5.46 18.52
N THR A 224 -1.63 5.47 18.31
CA THR A 224 -2.22 4.81 17.15
C THR A 224 -1.71 5.42 15.83
N ILE A 225 -1.51 6.73 15.79
CA ILE A 225 -0.96 7.32 14.58
C ILE A 225 0.38 6.73 14.29
N GLY A 226 1.25 6.59 15.25
CA GLY A 226 2.57 6.03 15.02
C GLY A 226 2.49 4.60 14.48
N VAL A 227 1.71 3.75 15.17
CA VAL A 227 1.66 2.32 14.76
C VAL A 227 1.07 2.22 13.34
N THR A 228 -0.01 2.91 13.09
CA THR A 228 -0.70 2.77 11.80
C THR A 228 0.08 3.35 10.66
N PHE A 229 0.73 4.52 10.85
CA PHE A 229 1.48 5.12 9.77
C PHE A 229 2.77 4.33 9.54
N PHE A 230 3.44 3.86 10.54
CA PHE A 230 4.58 2.99 10.25
C PHE A 230 4.13 1.77 9.44
N GLY A 231 3.14 1.05 9.96
CA GLY A 231 2.80 -0.23 9.36
C GLY A 231 2.25 -0.06 7.99
N ALA A 232 1.32 0.83 7.77
CA ALA A 232 0.73 1.00 6.45
C ALA A 232 1.72 1.56 5.45
N GLY A 233 2.57 2.45 5.92
CA GLY A 233 3.53 3.05 5.03
C GLY A 233 4.59 2.00 4.63
N VAL A 234 5.12 1.27 5.61
CA VAL A 234 6.11 0.24 5.31
C VAL A 234 5.54 -0.85 4.42
N ILE A 235 4.37 -1.37 4.75
CA ILE A 235 3.83 -2.48 3.90
C ILE A 235 3.58 -1.95 2.52
N SER A 236 3.05 -0.73 2.38
CA SER A 236 2.62 -0.27 1.09
C SER A 236 3.80 0.08 0.19
N THR A 237 4.81 0.76 0.75
CA THR A 237 5.99 1.13 -0.02
C THR A 237 6.87 -0.09 -0.28
N GLY A 238 7.08 -0.94 0.68
CA GLY A 238 7.92 -2.11 0.47
C GLY A 238 7.28 -3.02 -0.56
N SER A 239 6.02 -3.26 -0.46
CA SER A 239 5.36 -4.18 -1.37
C SER A 239 5.26 -3.60 -2.77
N PHE A 240 4.97 -2.27 -2.90
CA PHE A 240 4.94 -1.64 -4.22
C PHE A 240 6.35 -1.69 -4.84
N LEU A 241 7.36 -1.30 -4.13
CA LEU A 241 8.67 -1.27 -4.76
C LEU A 241 9.07 -2.70 -5.17
N THR A 242 8.76 -3.72 -4.38
CA THR A 242 9.14 -5.10 -4.77
C THR A 242 8.45 -5.48 -6.05
N THR A 243 7.18 -5.23 -6.19
CA THR A 243 6.48 -5.73 -7.40
C THR A 243 6.87 -4.80 -8.57
N ALA A 244 7.14 -3.55 -8.38
CA ALA A 244 7.61 -2.66 -9.43
C ALA A 244 9.01 -3.13 -9.98
N LEU A 245 9.89 -3.59 -9.06
CA LEU A 245 11.16 -4.15 -9.52
C LEU A 245 10.96 -5.36 -10.38
N ILE A 246 10.00 -6.23 -10.10
CA ILE A 246 9.73 -7.36 -10.99
C ILE A 246 9.30 -6.81 -12.38
N SER A 247 8.37 -5.89 -12.42
CA SER A 247 7.88 -5.31 -13.72
C SER A 247 9.04 -4.67 -14.43
N LEU A 248 9.96 -4.01 -13.77
CA LEU A 248 11.05 -3.38 -14.45
C LEU A 248 12.03 -4.43 -14.96
N ILE A 249 12.43 -5.40 -14.10
CA ILE A 249 13.40 -6.40 -14.47
C ILE A 249 12.91 -7.20 -15.61
N GLN A 250 11.63 -7.44 -15.70
N GLN A 250 11.64 -7.43 -15.73
CA GLN A 250 11.02 -8.17 -16.80
CA GLN A 250 11.03 -8.16 -16.84
C GLN A 250 11.23 -7.43 -18.17
C GLN A 250 10.79 -7.31 -18.19
N ARG A 251 11.38 -6.11 -18.15
CA ARG A 251 11.42 -5.21 -19.37
C ARG A 251 12.84 -4.64 -19.45
N PRO A 252 13.82 -5.46 -20.01
CA PRO A 252 15.14 -5.01 -20.12
C PRO A 252 15.37 -3.62 -20.90
N GLN A 253 14.51 -3.50 -21.91
CA GLN A 253 14.57 -2.20 -22.66
C GLN A 253 14.18 -1.01 -21.82
N LEU A 254 13.17 -1.17 -20.90
CA LEU A 254 12.77 -0.07 -20.04
C LEU A 254 13.86 0.11 -19.00
N ARG A 255 14.41 -1.03 -18.42
CA ARG A 255 15.47 -1.00 -17.50
C ARG A 255 16.64 -0.11 -18.04
N ASN A 256 16.98 -0.49 -19.33
CA ASN A 256 18.07 0.17 -20.01
C ASN A 256 17.79 1.63 -20.31
N LEU A 257 16.54 1.91 -20.68
CA LEU A 257 16.08 3.33 -20.97
C LEU A 257 16.19 4.18 -19.67
N LEU A 258 15.67 3.63 -18.54
CA LEU A 258 15.77 4.37 -17.25
C LEU A 258 17.20 4.51 -16.71
N HIS A 259 18.01 3.44 -16.96
CA HIS A 259 19.42 3.49 -16.56
C HIS A 259 20.16 4.61 -17.38
N GLU A 260 19.83 4.68 -18.66
CA GLU A 260 20.44 5.70 -19.63
C GLU A 260 19.92 7.09 -19.37
N LYS A 261 18.62 7.24 -19.11
CA LYS A 261 18.01 8.58 -18.91
C LYS A 261 17.25 8.60 -17.57
N PRO A 262 17.97 8.68 -16.49
CA PRO A 262 17.28 8.58 -15.17
C PRO A 262 16.27 9.69 -14.93
N GLU A 263 16.32 10.79 -15.69
CA GLU A 263 15.31 11.81 -15.57
C GLU A 263 13.89 11.28 -15.95
N LEU A 264 13.83 10.13 -16.62
CA LEU A 264 12.52 9.48 -16.94
C LEU A 264 12.05 8.60 -15.73
N ILE A 265 12.80 8.47 -14.70
CA ILE A 265 12.39 7.56 -13.59
C ILE A 265 11.05 8.03 -13.02
N PRO A 266 10.76 9.32 -12.81
CA PRO A 266 9.42 9.63 -12.27
C PRO A 266 8.35 9.22 -13.20
N ALA A 267 8.41 9.38 -14.49
CA ALA A 267 7.39 8.89 -15.40
C ALA A 267 7.29 7.35 -15.35
N GLY A 268 8.46 6.71 -15.26
CA GLY A 268 8.44 5.23 -15.23
C GLY A 268 7.77 4.78 -13.91
N VAL A 269 8.05 5.40 -12.81
CA VAL A 269 7.41 5.01 -11.51
C VAL A 269 5.94 5.29 -11.61
N GLU A 270 5.40 6.33 -12.28
CA GLU A 270 4.02 6.52 -12.37
C GLU A 270 3.35 5.41 -13.14
N GLU A 271 3.98 4.93 -14.22
CA GLU A 271 3.41 3.80 -14.91
C GLU A 271 3.52 2.45 -14.08
N LEU A 272 4.59 2.33 -13.37
CA LEU A 272 4.73 1.12 -12.47
C LEU A 272 3.65 1.18 -11.42
N LEU A 273 3.32 2.38 -10.89
CA LEU A 273 2.13 2.51 -10.00
C LEU A 273 0.93 2.15 -10.71
N ARG A 274 0.65 2.59 -11.95
CA ARG A 274 -0.58 2.30 -12.62
C ARG A 274 -0.76 0.80 -12.78
N ILE A 275 0.29 0.09 -13.20
CA ILE A 275 0.12 -1.33 -13.49
C ILE A 275 0.27 -2.16 -12.24
N ASN A 276 0.48 -1.59 -11.10
CA ASN A 276 0.87 -2.41 -9.93
C ASN A 276 -0.27 -3.24 -9.42
N LEU A 277 0.08 -4.48 -9.06
CA LEU A 277 -0.89 -5.46 -8.56
C LEU A 277 -0.71 -5.65 -7.07
N SER A 278 -0.07 -4.76 -6.36
CA SER A 278 0.23 -4.92 -4.94
C SER A 278 -1.02 -5.04 -4.08
N PHE A 279 -2.12 -4.42 -4.32
CA PHE A 279 -3.32 -4.62 -3.50
C PHE A 279 -4.02 -5.91 -3.82
N ALA A 280 -4.04 -6.77 -2.80
CA ALA A 280 -4.60 -8.13 -3.03
C ALA A 280 -6.07 -8.17 -3.12
N ASP A 281 -6.77 -7.21 -2.59
CA ASP A 281 -8.25 -7.18 -2.56
C ASP A 281 -8.74 -5.86 -3.05
N GLY A 282 -9.97 -5.80 -3.50
CA GLY A 282 -10.61 -4.47 -3.72
C GLY A 282 -10.66 -3.67 -2.48
N LEU A 283 -10.70 -2.33 -2.63
CA LEU A 283 -10.86 -1.47 -1.47
C LEU A 283 -12.33 -1.56 -1.00
N PRO A 284 -12.55 -1.83 0.29
CA PRO A 284 -13.91 -2.05 0.76
C PRO A 284 -14.67 -0.78 1.16
N ARG A 285 -15.94 -0.74 0.89
CA ARG A 285 -16.82 0.29 1.35
C ARG A 285 -18.18 -0.31 1.72
N LEU A 286 -18.89 0.31 2.62
CA LEU A 286 -20.28 -0.14 2.93
C LEU A 286 -21.27 0.88 2.43
N ALA A 287 -22.26 0.48 1.70
CA ALA A 287 -23.30 1.47 1.27
C ALA A 287 -24.07 1.93 2.48
N THR A 288 -24.27 3.28 2.60
CA THR A 288 -25.13 3.84 3.69
C THR A 288 -26.48 4.31 3.06
N ALA A 289 -26.77 4.02 1.86
CA ALA A 289 -28.04 4.35 1.19
C ALA A 289 -28.23 3.41 0.05
N ASP A 290 -29.35 3.36 -0.67
CA ASP A 290 -29.45 2.72 -1.90
C ASP A 290 -28.90 3.51 -3.01
N ILE A 291 -27.95 3.03 -3.80
CA ILE A 291 -27.18 3.90 -4.72
C ILE A 291 -27.08 3.10 -6.02
N GLN A 292 -27.41 3.68 -7.16
CA GLN A 292 -27.27 3.06 -8.42
C GLN A 292 -25.80 3.08 -8.92
N VAL A 293 -25.27 1.91 -9.27
CA VAL A 293 -23.88 1.78 -9.76
C VAL A 293 -23.99 0.99 -10.99
N GLY A 294 -23.84 1.58 -12.19
CA GLY A 294 -24.03 0.84 -13.40
C GLY A 294 -25.47 0.24 -13.42
N ASP A 295 -25.51 -1.06 -13.71
CA ASP A 295 -26.80 -1.75 -13.86
C ASP A 295 -27.30 -2.31 -12.54
N VAL A 296 -26.65 -1.98 -11.41
CA VAL A 296 -27.02 -2.55 -10.09
C VAL A 296 -27.48 -1.48 -9.19
N LEU A 297 -28.61 -1.66 -8.50
CA LEU A 297 -28.94 -0.83 -7.39
C LEU A 297 -28.32 -1.45 -6.14
N VAL A 298 -27.27 -0.86 -5.65
CA VAL A 298 -26.62 -1.37 -4.41
C VAL A 298 -27.52 -0.98 -3.30
N ARG A 299 -27.80 -1.87 -2.34
CA ARG A 299 -28.68 -1.53 -1.24
C ARG A 299 -27.95 -1.14 -0.03
N LYS A 300 -28.55 -0.35 0.83
CA LYS A 300 -27.96 0.06 2.08
C LYS A 300 -27.46 -1.15 2.87
N GLY A 301 -26.27 -1.08 3.40
CA GLY A 301 -25.70 -2.16 4.21
C GLY A 301 -24.87 -3.16 3.38
N GLU A 302 -24.86 -3.08 2.07
CA GLU A 302 -24.08 -4.00 1.27
C GLU A 302 -22.63 -3.55 1.14
N LEU A 303 -21.76 -4.54 0.97
CA LEU A 303 -20.33 -4.33 0.78
C LEU A 303 -20.01 -4.20 -0.68
N VAL A 304 -19.15 -3.19 -0.97
CA VAL A 304 -18.65 -2.96 -2.32
C VAL A 304 -17.13 -3.00 -2.26
N LEU A 305 -16.54 -3.58 -3.29
CA LEU A 305 -15.10 -3.75 -3.37
C LEU A 305 -14.62 -3.12 -4.67
N VAL A 306 -13.73 -2.12 -4.52
CA VAL A 306 -13.26 -1.36 -5.70
C VAL A 306 -11.95 -1.98 -6.15
N LEU A 307 -11.99 -2.66 -7.29
CA LEU A 307 -10.80 -3.43 -7.75
C LEU A 307 -9.85 -2.43 -8.46
N LEU A 308 -8.74 -2.10 -7.82
CA LEU A 308 -7.83 -1.03 -8.41
C LEU A 308 -7.31 -1.49 -9.71
N GLU A 309 -6.90 -2.74 -9.94
CA GLU A 309 -6.43 -3.13 -11.24
C GLU A 309 -7.53 -3.23 -12.27
N GLY A 310 -8.80 -3.34 -11.85
CA GLY A 310 -9.90 -3.20 -12.81
C GLY A 310 -9.83 -1.76 -13.38
N ALA A 311 -9.80 -0.80 -12.52
CA ALA A 311 -9.70 0.59 -13.05
C ALA A 311 -8.42 0.82 -13.84
N ASN A 312 -7.28 0.37 -13.31
CA ASN A 312 -5.97 0.81 -13.83
C ASN A 312 -5.60 0.10 -15.11
N PHE A 313 -6.25 -1.03 -15.41
CA PHE A 313 -6.05 -1.73 -16.68
C PHE A 313 -7.23 -1.58 -17.62
N ASP A 314 -8.14 -0.64 -17.32
CA ASP A 314 -9.32 -0.44 -18.17
C ASP A 314 -8.89 0.25 -19.48
N PRO A 315 -9.03 -0.42 -20.63
CA PRO A 315 -8.51 0.18 -21.90
C PRO A 315 -9.38 1.38 -22.30
N GLU A 316 -10.56 1.58 -21.77
CA GLU A 316 -11.34 2.81 -22.10
C GLU A 316 -10.67 3.97 -21.48
N HIS A 317 -9.87 3.88 -20.43
CA HIS A 317 -9.18 4.99 -19.82
C HIS A 317 -7.71 5.01 -20.16
N PHE A 318 -7.08 3.82 -20.24
CA PHE A 318 -5.64 3.70 -20.46
C PHE A 318 -5.49 2.73 -21.64
N PRO A 319 -5.41 3.26 -22.89
CA PRO A 319 -5.29 2.38 -24.03
C PRO A 319 -3.94 1.63 -23.98
N ASN A 320 -4.02 0.39 -24.49
CA ASN A 320 -2.91 -0.59 -24.31
C ASN A 320 -2.42 -0.67 -22.88
N PRO A 321 -3.45 -1.07 -22.01
CA PRO A 321 -3.28 -0.90 -20.56
C PRO A 321 -2.15 -1.73 -20.01
N GLY A 322 -1.77 -2.88 -20.63
CA GLY A 322 -0.70 -3.64 -20.00
C GLY A 322 0.66 -3.18 -20.40
N SER A 323 0.77 -2.13 -21.26
CA SER A 323 2.10 -1.59 -21.67
C SER A 323 2.52 -0.43 -20.85
N ILE A 324 3.77 -0.32 -20.41
CA ILE A 324 4.29 0.82 -19.79
C ILE A 324 4.71 1.85 -20.88
N GLU A 325 3.98 2.95 -20.88
CA GLU A 325 4.25 4.05 -21.88
C GLU A 325 4.47 5.30 -21.10
N LEU A 326 5.59 5.97 -21.30
CA LEU A 326 6.03 7.07 -20.50
C LEU A 326 5.46 8.45 -21.03
N ASP A 327 4.68 8.36 -22.04
CA ASP A 327 4.11 9.61 -22.69
C ASP A 327 2.67 9.59 -22.75
N ARG A 328 1.96 8.99 -21.74
CA ARG A 328 0.54 9.01 -21.77
C ARG A 328 0.00 10.48 -21.44
N PRO A 329 -1.22 10.72 -21.96
CA PRO A 329 -1.73 12.13 -21.71
C PRO A 329 -2.38 12.27 -20.32
N ASN A 330 -2.52 11.14 -19.59
CA ASN A 330 -3.28 11.10 -18.30
C ASN A 330 -2.47 10.27 -17.27
N PRO A 331 -1.23 10.49 -17.07
CA PRO A 331 -0.38 9.52 -16.38
C PRO A 331 -0.64 9.40 -14.93
N THR A 332 -1.06 10.38 -14.22
CA THR A 332 -1.26 10.31 -12.79
C THR A 332 -2.76 10.02 -12.45
N SER A 333 -3.61 9.81 -13.44
CA SER A 333 -5.03 9.64 -13.23
C SER A 333 -5.39 8.18 -12.83
N HIS A 334 -4.38 7.32 -12.63
CA HIS A 334 -4.63 5.96 -12.03
C HIS A 334 -5.12 6.09 -10.64
N LEU A 335 -5.61 4.92 -10.14
CA LEU A 335 -6.19 4.80 -8.79
C LEU A 335 -5.23 4.10 -7.88
N ALA A 336 -3.93 4.05 -8.13
CA ALA A 336 -3.04 3.30 -7.21
C ALA A 336 -3.04 3.87 -5.84
N PHE A 337 -3.31 5.17 -5.62
CA PHE A 337 -3.35 5.82 -4.30
C PHE A 337 -4.79 6.10 -3.88
N GLY A 338 -5.71 5.41 -4.51
CA GLY A 338 -7.13 5.69 -4.26
C GLY A 338 -7.63 6.98 -4.95
N ARG A 339 -8.74 7.51 -4.42
CA ARG A 339 -9.41 8.68 -5.07
C ARG A 339 -10.38 9.14 -4.06
N GLY A 340 -10.59 10.47 -3.96
CA GLY A 340 -11.71 11.02 -3.10
C GLY A 340 -11.24 11.26 -1.72
N GLN A 341 -12.16 11.11 -0.79
CA GLN A 341 -11.95 11.44 0.61
C GLN A 341 -10.75 10.70 1.19
N HIS A 342 -10.51 9.44 0.78
CA HIS A 342 -9.44 8.67 1.42
C HIS A 342 -8.20 8.54 0.62
N PHE A 343 -8.01 9.46 -0.40
CA PHE A 343 -6.81 9.42 -1.23
C PHE A 343 -5.54 9.43 -0.34
N CYS A 344 -4.58 8.59 -0.66
CA CYS A 344 -3.40 8.31 0.20
C CYS A 344 -2.61 9.61 0.60
N PRO A 345 -2.47 9.90 1.82
CA PRO A 345 -1.65 11.11 2.16
C PRO A 345 -0.20 10.80 2.05
N GLY A 346 0.21 9.54 1.88
CA GLY A 346 1.64 9.16 1.70
C GLY A 346 2.03 9.14 0.19
N SER A 347 1.20 9.64 -0.71
CA SER A 347 1.47 9.37 -2.14
C SER A 347 2.86 9.92 -2.52
N ALA A 348 3.17 11.18 -2.14
CA ALA A 348 4.45 11.78 -2.58
C ALA A 348 5.55 10.99 -1.97
N LEU A 349 5.51 10.60 -0.72
CA LEU A 349 6.54 9.82 -0.09
C LEU A 349 6.73 8.42 -0.77
N GLY A 350 5.59 7.81 -1.11
CA GLY A 350 5.68 6.53 -1.77
C GLY A 350 6.29 6.62 -3.16
N ARG A 351 5.94 7.69 -3.93
CA ARG A 351 6.63 7.93 -5.20
C ARG A 351 8.11 8.13 -4.98
N ARG A 352 8.52 8.93 -4.01
CA ARG A 352 9.92 9.19 -3.88
C ARG A 352 10.71 7.97 -3.38
N HIS A 353 10.14 7.16 -2.51
CA HIS A 353 10.80 5.93 -2.09
C HIS A 353 11.09 5.04 -3.35
N ALA A 354 10.10 4.85 -4.22
CA ALA A 354 10.30 4.00 -5.34
C ALA A 354 11.28 4.61 -6.31
N GLN A 355 11.16 5.92 -6.58
CA GLN A 355 12.09 6.57 -7.55
C GLN A 355 13.49 6.47 -7.05
N ILE A 356 13.79 6.70 -5.80
CA ILE A 356 15.10 6.63 -5.30
C ILE A 356 15.61 5.23 -5.25
N GLY A 357 14.80 4.27 -4.84
CA GLY A 357 15.27 2.87 -4.82
C GLY A 357 15.58 2.41 -6.26
N ILE A 358 14.73 2.74 -7.23
CA ILE A 358 14.99 2.32 -8.59
C ILE A 358 16.26 3.01 -9.12
N GLU A 359 16.40 4.33 -8.90
CA GLU A 359 17.62 5.04 -9.43
C GLU A 359 18.84 4.39 -8.84
N ALA A 360 18.87 4.10 -7.57
CA ALA A 360 20.06 3.51 -6.95
C ALA A 360 20.30 2.10 -7.52
N LEU A 361 19.27 1.27 -7.69
CA LEU A 361 19.42 -0.09 -8.16
C LEU A 361 19.96 0.01 -9.55
N LEU A 362 19.43 0.79 -10.45
CA LEU A 362 19.89 0.82 -11.79
C LEU A 362 21.35 1.35 -11.88
N LYS A 363 21.80 2.22 -11.02
CA LYS A 363 23.17 2.69 -11.14
C LYS A 363 24.08 1.57 -10.58
N LYS A 364 23.75 0.85 -9.51
CA LYS A 364 24.61 -0.10 -8.90
C LYS A 364 24.56 -1.47 -9.62
N MET A 365 23.42 -1.83 -10.22
CA MET A 365 23.21 -3.17 -10.84
C MET A 365 22.51 -2.98 -12.11
N PRO A 366 23.19 -2.37 -13.14
CA PRO A 366 22.55 -2.16 -14.38
C PRO A 366 22.22 -3.43 -15.14
N GLY A 367 22.92 -4.50 -14.78
CA GLY A 367 22.62 -5.81 -15.39
C GLY A 367 21.58 -6.58 -14.57
N VAL A 368 20.80 -5.98 -13.67
CA VAL A 368 19.90 -6.82 -12.81
C VAL A 368 18.95 -7.61 -13.67
N ASP A 369 18.76 -8.88 -13.25
CA ASP A 369 17.87 -9.81 -13.88
C ASP A 369 17.39 -10.78 -12.78
N LEU A 370 16.24 -11.40 -13.03
CA LEU A 370 15.82 -12.49 -12.12
C LEU A 370 16.83 -13.62 -12.15
N ALA A 371 17.05 -14.25 -11.02
CA ALA A 371 18.00 -15.37 -10.94
C ALA A 371 17.26 -16.71 -10.93
N VAL A 372 15.94 -16.69 -10.98
CA VAL A 372 15.09 -17.89 -11.08
C VAL A 372 14.05 -17.64 -12.14
N PRO A 373 13.46 -18.64 -12.75
CA PRO A 373 12.29 -18.43 -13.66
C PRO A 373 11.21 -17.76 -12.91
N ILE A 374 10.50 -16.84 -13.59
CA ILE A 374 9.51 -16.02 -12.88
C ILE A 374 8.46 -16.86 -12.19
N ASP A 375 8.09 -18.04 -12.76
CA ASP A 375 7.08 -18.85 -12.12
C ASP A 375 7.51 -19.40 -10.76
N GLN A 376 8.79 -19.38 -10.47
CA GLN A 376 9.28 -19.90 -9.18
C GLN A 376 9.12 -18.92 -8.04
N LEU A 377 8.71 -17.68 -8.24
CA LEU A 377 8.43 -16.78 -7.10
C LEU A 377 7.21 -17.33 -6.31
N VAL A 378 7.28 -17.22 -5.02
CA VAL A 378 6.24 -17.78 -4.14
C VAL A 378 5.38 -16.58 -3.68
N TRP A 379 4.15 -16.60 -4.05
CA TRP A 379 3.25 -15.44 -3.75
C TRP A 379 2.55 -15.59 -2.47
N ARG A 380 2.68 -14.66 -1.54
CA ARG A 380 2.06 -14.72 -0.26
C ARG A 380 0.55 -14.76 -0.42
N THR A 381 -0.11 -15.62 0.31
CA THR A 381 -1.56 -15.77 0.26
C THR A 381 -2.23 -15.20 1.47
N ARG A 382 -3.53 -14.93 1.31
N ARG A 382 -3.54 -14.95 1.31
CA ARG A 382 -4.38 -14.43 2.41
CA ARG A 382 -4.39 -14.44 2.41
C ARG A 382 -3.74 -13.26 3.12
C ARG A 382 -3.77 -13.26 3.11
N PHE A 383 -3.29 -12.30 2.29
CA PHE A 383 -2.59 -11.11 2.79
C PHE A 383 -3.18 -9.90 2.03
N GLN A 384 -3.07 -8.73 2.68
CA GLN A 384 -3.67 -7.55 2.03
C GLN A 384 -2.85 -7.02 0.88
N ARG A 385 -1.63 -7.49 0.73
CA ARG A 385 -0.80 -7.20 -0.43
C ARG A 385 -0.42 -8.44 -1.19
N ARG A 386 -0.08 -8.33 -2.42
CA ARG A 386 0.56 -9.44 -3.20
C ARG A 386 2.00 -9.18 -3.19
N ILE A 387 2.80 -10.13 -2.74
CA ILE A 387 4.25 -9.99 -2.66
C ILE A 387 4.92 -11.36 -2.77
N PRO A 388 6.02 -11.42 -3.47
CA PRO A 388 6.78 -12.66 -3.50
C PRO A 388 7.53 -12.82 -2.19
N GLU A 389 7.61 -14.02 -1.64
CA GLU A 389 8.30 -14.17 -0.36
C GLU A 389 9.76 -13.85 -0.46
N ARG A 390 10.39 -14.22 -1.58
CA ARG A 390 11.79 -13.81 -1.88
C ARG A 390 11.80 -13.36 -3.31
N LEU A 391 12.72 -12.43 -3.62
CA LEU A 391 12.86 -11.96 -5.03
C LEU A 391 14.32 -12.17 -5.44
N PRO A 392 14.69 -13.36 -5.96
CA PRO A 392 16.16 -13.66 -6.18
C PRO A 392 16.58 -13.05 -7.49
N VAL A 393 17.65 -12.26 -7.44
CA VAL A 393 18.18 -11.63 -8.65
C VAL A 393 19.68 -11.87 -8.74
N LEU A 394 20.14 -11.64 -9.98
CA LEU A 394 21.61 -11.57 -10.23
C LEU A 394 21.83 -10.30 -11.04
N TRP A 395 23.13 -10.01 -11.37
CA TRP A 395 23.44 -8.74 -12.05
C TRP A 395 24.80 -8.89 -12.71
CHA HEM B . -4.71 5.38 1.98
CHA HEM B . -4.75 5.40 2.10
CHB HEM B . -2.02 3.22 -1.52
CHB HEM B . -0.64 6.29 4.80
CHC HEM B . 2.03 4.65 0.75
CHC HEM B . 2.05 4.79 1.01
CHD HEM B . -0.70 6.13 4.50
CHD HEM B . -2.00 3.30 -1.28
C1A HEM B . -4.28 4.76 0.77
C1A HEM B . -3.83 5.72 3.10
C2A HEM B . -5.22 4.28 -0.24
C2A HEM B . -4.30 6.29 4.35
C3A HEM B . -4.49 3.58 -1.20
C3A HEM B . -3.15 6.54 5.12
C4A HEM B . -3.10 3.70 -0.81
C4A HEM B . -1.97 6.15 4.34
CMA HEM B . -5.02 2.87 -2.34
CMA HEM B . -3.20 7.12 6.48
CAA HEM B . -6.73 4.47 -0.24
CAA HEM B . -5.76 6.52 4.74
CBA HEM B . -7.50 3.40 0.56
CBA HEM B . -6.29 7.85 4.19
CGA HEM B . -8.98 3.53 0.42
CGA HEM B . -7.74 8.12 4.59
O1A HEM B . -9.51 4.51 -0.12
O1A HEM B . -8.40 7.19 5.06
O2A HEM B . -9.71 2.52 0.86
O2A HEM B . -8.22 9.27 4.37
C1B HEM B . -0.68 3.42 -1.15
C1B HEM B . 0.42 5.99 3.91
C2B HEM B . 0.36 3.04 -1.98
C2B HEM B . 1.75 6.23 4.33
C3B HEM B . 1.55 3.44 -1.34
C3B HEM B . 2.52 5.88 3.20
C4B HEM B . 1.08 4.07 -0.14
C4B HEM B . 1.57 5.37 2.25
CMB HEM B . 0.27 2.32 -3.25
CMB HEM B . 2.17 6.81 5.62
CAB HEM B . 2.96 3.27 -1.74
CAB HEM B . 3.96 5.97 3.01
CBB HEM B . 3.47 3.20 -2.95
CBB HEM B . 4.45 6.34 1.83
C1C HEM B . 1.58 5.27 1.91
C1C HEM B . 1.17 4.19 0.10
C2C HEM B . 2.54 5.83 2.87
C2C HEM B . 1.67 3.61 -1.16
C3C HEM B . 1.78 6.16 4.02
C3C HEM B . 0.45 3.19 -1.84
C4C HEM B . 0.40 5.91 3.70
C4C HEM B . -0.64 3.52 -0.96
CMC HEM B . 4.01 6.07 2.77
CMC HEM B . 3.09 3.53 -1.59
CAC HEM B . 2.26 6.82 5.30
CAC HEM B . 0.29 2.57 -3.22
CBC HEM B . 3.47 6.97 5.86
CBC HEM B . 1.12 1.79 -3.89
C1D HEM B . -2.06 6.06 4.14
C1D HEM B . -3.15 3.83 -0.58
C2D HEM B . -3.13 6.46 5.04
C2D HEM B . -4.49 3.61 -1.05
C3D HEM B . -4.27 6.24 4.31
C3D HEM B . -5.29 4.25 -0.04
C4D HEM B . -3.83 5.71 3.03
C4D HEM B . -4.35 4.74 0.91
CMD HEM B . -3.00 6.99 6.44
CMD HEM B . -4.89 2.89 -2.28
CAD HEM B . -5.72 6.44 4.76
CAD HEM B . -6.77 4.41 -0.04
CBD HEM B . -6.30 7.73 4.29
CBD HEM B . -7.38 3.22 0.63
CGD HEM B . -7.78 7.87 4.67
CGD HEM B . -8.89 3.24 0.56
O1D HEM B . -8.13 9.02 4.39
O1D HEM B . -9.56 2.23 1.01
O2D HEM B . -8.46 6.96 5.15
O2D HEM B . -9.48 4.26 0.08
NA HEM B . -2.94 4.38 0.43
NA HEM B . -2.37 5.70 3.06
NB HEM B . -0.27 3.99 -0.02
NB HEM B . 0.33 5.49 2.67
NC HEM B . 0.31 5.28 2.41
NC HEM B . -0.20 4.09 0.30
ND HEM B . -2.50 5.66 2.93
ND HEM B . -3.10 4.50 0.59
FE HEM B . -1.36 4.96 1.40
FE HEM B . -1.35 4.89 1.64
S SO4 C . -16.20 7.58 5.78
S SO4 C . -16.18 7.81 5.59
O1 SO4 C . -17.66 7.42 6.06
O1 SO4 C . -17.56 7.26 5.70
O2 SO4 C . -15.64 8.94 5.96
O2 SO4 C . -16.17 8.63 4.34
O3 SO4 C . -15.81 7.00 4.46
O3 SO4 C . -15.30 6.86 6.02
O4 SO4 C . -15.52 6.69 6.53
O4 SO4 C . -16.08 8.84 6.61
S SO4 D . 3.55 16.72 31.18
O1 SO4 D . 2.09 16.24 30.93
O2 SO4 D . 3.82 16.54 32.66
O3 SO4 D . 4.52 15.74 30.54
O4 SO4 D . 3.80 17.93 30.74
S SO4 E . 5.95 -2.97 -22.45
O1 SO4 E . 5.04 -2.47 -23.57
O2 SO4 E . 5.41 -2.52 -21.18
O3 SO4 E . 6.01 -4.49 -22.52
O4 SO4 E . 7.33 -2.44 -22.57
S DMS F . -5.97 -16.25 -16.29
O DMS F . -7.40 -15.65 -16.06
C1 DMS F . -4.83 -15.31 -17.20
C2 DMS F . -4.95 -16.34 -14.92
S DMS G . 16.50 -7.28 15.66
O DMS G . 17.29 -6.12 15.23
C1 DMS G . 15.13 -6.89 16.64
C2 DMS G . 16.15 -8.05 14.16
S DMS H . -5.72 -4.30 -25.22
O DMS H . -5.20 -4.88 -23.95
C1 DMS H . -7.12 -3.43 -24.80
C2 DMS H . -4.52 -3.23 -25.80
S DMS I . -17.56 -25.53 -7.84
O DMS I . -18.95 -25.69 -7.30
C1 DMS I . -17.28 -24.10 -8.76
C2 DMS I . -16.54 -25.42 -6.45
CAO TQU J . -4.61 2.48 4.55
CAH TQU J . -3.31 2.92 4.32
CAL TQU J . -2.70 2.64 3.10
NAA TQU J . -1.45 3.05 2.88
CAD TQU J . -3.38 1.94 2.11
CAF TQU J . -4.68 1.51 2.35
CAN TQU J . -5.30 1.78 3.57
NAJ TQU J . -6.56 1.36 3.78
CAB TQU J . -7.17 1.60 4.93
CAC TQU J . -6.53 2.30 5.95
CAM TQU J . -5.23 2.75 5.76
NAP TQU J . -4.60 3.41 6.72
CAG TQU J . -5.08 4.35 7.52
NAI TQU J . -4.10 4.74 8.32
CAE TQU J . -3.04 4.03 7.96
NAK TQU J . -3.41 3.22 6.96
CAO TQU K . -1.78 -2.80 11.75
CAH TQU K . -2.54 -3.91 12.14
CAL TQU K . -2.13 -4.68 13.22
NAA TQU K . -2.86 -5.74 13.58
CAD TQU K . -0.98 -4.36 13.91
CAF TQU K . -0.22 -3.25 13.53
CAN TQU K . -0.62 -2.47 12.45
NAJ TQU K . 0.11 -1.41 12.09
CAB TQU K . -0.24 -0.64 11.07
CAC TQU K . -1.39 -0.92 10.33
CAM TQU K . -2.17 -2.01 10.68
NAP TQU K . -3.28 -2.31 10.00
CAG TQU K . -4.24 -1.48 9.62
NAI TQU K . -5.14 -2.20 8.96
CAE TQU K . -4.68 -3.45 8.96
NAK TQU K . -3.52 -3.45 9.62
#